data_1R5A
#
_entry.id   1R5A
#
_cell.length_a   122.129
_cell.length_b   122.129
_cell.length_c   74.699
_cell.angle_alpha   90.00
_cell.angle_beta   90.00
_cell.angle_gamma   90.00
#
_symmetry.space_group_name_H-M   'I 41 2 2'
#
loop_
_entity.id
_entity.type
_entity.pdbx_description
1 polymer 'glutathione transferase'
2 non-polymer 'COPPER (II) ION'
3 non-polymer 'GLUTATHIONE SULFONIC ACID'
4 water water
#
_entity_poly.entity_id   1
_entity_poly.type   'polypeptide(L)'
_entity_poly.pdbx_seq_one_letter_code
;MTTVLYYLPASPPCRSVLLLAKMIGVELDLKVLNIMEGEQLKPDFVELNPQHCIPTMDDHGLVLWESRVILSYLVSAYGK
DENLYPKDFRSRAIVDQRLHFDLGTLYQRVVDYYFPTIHLGAHLDQTKKAKLAEALGWFEAMLKQYQWSAANHFTIADIA
LCVTVSQIEAFQFDLHPYPRVRAWLLKCKDELEGHGYKEINETGAETLAGLFRSKLKQ
;
_entity_poly.pdbx_strand_id   A
#
# COMPACT_ATOMS: atom_id res chain seq x y z
N THR A 2 -3.99 -14.35 16.72
CA THR A 2 -4.73 -13.52 15.72
C THR A 2 -4.69 -12.05 16.13
N THR A 3 -4.48 -11.21 15.13
CA THR A 3 -4.41 -9.78 15.33
C THR A 3 -5.66 -9.17 14.67
N VAL A 4 -6.29 -8.21 15.34
CA VAL A 4 -7.47 -7.57 14.78
C VAL A 4 -7.07 -6.46 13.84
N LEU A 5 -7.82 -6.34 12.75
CA LEU A 5 -7.57 -5.31 11.77
C LEU A 5 -8.90 -4.78 11.25
N TYR A 6 -9.12 -3.50 11.44
CA TYR A 6 -10.31 -2.86 10.93
C TYR A 6 -9.86 -2.44 9.55
N TYR A 7 -10.56 -2.91 8.52
CA TYR A 7 -10.16 -2.61 7.15
C TYR A 7 -11.32 -2.53 6.18
N LEU A 8 -10.95 -2.30 4.93
CA LEU A 8 -11.87 -2.25 3.80
C LEU A 8 -11.10 -2.89 2.65
N PRO A 9 -11.60 -4.02 2.14
CA PRO A 9 -10.93 -4.73 1.05
C PRO A 9 -10.32 -3.85 -0.05
N ALA A 10 -11.11 -2.96 -0.63
CA ALA A 10 -10.62 -2.10 -1.71
C ALA A 10 -9.49 -1.15 -1.33
N SER A 11 -9.45 -0.74 -0.07
CA SER A 11 -8.43 0.19 0.41
C SER A 11 -6.97 -0.21 0.17
N PRO A 12 -6.21 0.63 -0.55
CA PRO A 12 -4.80 0.34 -0.84
C PRO A 12 -3.95 0.12 0.42
N PRO A 13 -4.10 0.98 1.44
CA PRO A 13 -3.34 0.83 2.69
C PRO A 13 -3.67 -0.49 3.39
N CYS A 14 -4.93 -0.89 3.35
CA CYS A 14 -5.35 -2.13 4.00
C CYS A 14 -4.76 -3.34 3.29
N ARG A 15 -4.65 -3.25 1.96
CA ARG A 15 -4.09 -4.35 1.17
C ARG A 15 -2.61 -4.56 1.42
N SER A 16 -1.87 -3.50 1.77
CA SER A 16 -0.46 -3.70 2.06
C SER A 16 -0.43 -4.66 3.24
N VAL A 17 -1.13 -4.29 4.31
CA VAL A 17 -1.18 -5.10 5.52
C VAL A 17 -1.62 -6.55 5.30
N LEU A 18 -2.62 -6.74 4.45
CA LEU A 18 -3.12 -8.08 4.18
C LEU A 18 -2.09 -8.94 3.48
N LEU A 19 -1.43 -8.37 2.48
CA LEU A 19 -0.41 -9.10 1.74
C LEU A 19 0.68 -9.56 2.70
N LEU A 20 1.31 -8.61 3.38
CA LEU A 20 2.37 -8.93 4.33
C LEU A 20 1.91 -10.01 5.29
N ALA A 21 0.78 -9.75 5.96
CA ALA A 21 0.23 -10.70 6.90
C ALA A 21 0.10 -12.10 6.27
N LYS A 22 -0.43 -12.18 5.05
CA LYS A 22 -0.56 -13.48 4.39
C LYS A 22 0.82 -14.07 4.08
N MET A 23 1.75 -13.20 3.69
CA MET A 23 3.09 -13.65 3.38
C MET A 23 3.83 -14.21 4.59
N ILE A 24 3.75 -13.55 5.74
CA ILE A 24 4.44 -14.07 6.92
C ILE A 24 3.58 -14.88 7.89
N GLY A 25 2.41 -15.30 7.42
CA GLY A 25 1.54 -16.13 8.23
C GLY A 25 0.90 -15.55 9.48
N VAL A 26 0.62 -14.25 9.48
CA VAL A 26 -0.02 -13.62 10.62
C VAL A 26 -1.52 -13.72 10.39
N GLU A 27 -2.19 -14.52 11.23
CA GLU A 27 -3.62 -14.71 11.13
C GLU A 27 -4.35 -13.44 11.52
N LEU A 28 -5.28 -13.02 10.68
CA LEU A 28 -6.02 -11.80 10.95
C LEU A 28 -7.49 -12.00 11.24
N ASP A 29 -7.95 -11.39 12.33
CA ASP A 29 -9.36 -11.39 12.72
C ASP A 29 -9.87 -10.08 12.09
N LEU A 30 -10.51 -10.21 10.92
CA LEU A 30 -11.01 -9.06 10.16
C LEU A 30 -12.32 -8.41 10.57
N LYS A 31 -12.33 -7.09 10.51
CA LYS A 31 -13.49 -6.29 10.87
C LYS A 31 -13.63 -5.22 9.80
N VAL A 32 -14.54 -5.43 8.86
CA VAL A 32 -14.73 -4.46 7.79
C VAL A 32 -15.31 -3.18 8.33
N LEU A 33 -14.76 -2.06 7.88
CA LEU A 33 -15.22 -0.76 8.33
C LEU A 33 -15.67 -0.01 7.10
N ASN A 34 -16.97 0.02 6.86
CA ASN A 34 -17.51 0.71 5.69
C ASN A 34 -17.39 2.21 5.88
N ILE A 35 -16.27 2.75 5.42
CA ILE A 35 -15.99 4.16 5.52
C ILE A 35 -16.97 4.98 4.70
N MET A 36 -17.49 4.36 3.65
CA MET A 36 -18.46 5.02 2.78
C MET A 36 -19.74 5.32 3.57
N GLU A 37 -20.19 4.40 4.41
CA GLU A 37 -21.39 4.59 5.23
C GLU A 37 -21.02 5.31 6.52
N GLY A 38 -19.73 5.65 6.64
CA GLY A 38 -19.23 6.37 7.81
C GLY A 38 -19.10 5.60 9.11
N GLU A 39 -18.89 4.29 9.05
CA GLU A 39 -18.76 3.49 10.28
C GLU A 39 -17.54 3.86 11.13
N GLN A 40 -16.49 4.37 10.49
CA GLN A 40 -15.31 4.74 11.24
C GLN A 40 -15.54 5.94 12.16
N LEU A 41 -16.63 6.67 11.92
CA LEU A 41 -16.93 7.85 12.72
C LEU A 41 -17.64 7.55 14.04
N LYS A 42 -18.06 6.29 14.23
CA LYS A 42 -18.71 5.94 15.48
C LYS A 42 -17.78 6.10 16.70
N PRO A 43 -18.34 6.57 17.82
CA PRO A 43 -17.69 6.82 19.10
C PRO A 43 -16.65 5.81 19.54
N ASP A 44 -16.99 4.53 19.50
CA ASP A 44 -16.08 3.51 19.94
C ASP A 44 -14.87 3.27 19.06
N PHE A 45 -14.92 3.65 17.78
CA PHE A 45 -13.76 3.47 16.94
C PHE A 45 -12.91 4.72 17.10
N VAL A 46 -13.58 5.87 17.12
CA VAL A 46 -12.93 7.15 17.27
C VAL A 46 -12.25 7.20 18.64
N GLU A 47 -12.74 6.38 19.56
CA GLU A 47 -12.15 6.33 20.90
C GLU A 47 -10.93 5.45 20.77
N LEU A 48 -10.99 4.52 19.82
CA LEU A 48 -9.89 3.59 19.58
C LEU A 48 -8.76 4.30 18.84
N ASN A 49 -9.14 5.00 17.77
CA ASN A 49 -8.20 5.72 16.92
C ASN A 49 -8.71 7.15 16.67
N PRO A 50 -8.09 8.15 17.31
CA PRO A 50 -8.50 9.55 17.16
C PRO A 50 -8.71 9.95 15.71
N GLN A 51 -7.74 9.65 14.86
CA GLN A 51 -7.80 9.97 13.44
C GLN A 51 -8.82 9.08 12.70
N HIS A 52 -9.50 8.19 13.42
CA HIS A 52 -10.50 7.28 12.86
C HIS A 52 -10.27 6.83 11.40
N CYS A 53 -9.16 6.15 11.15
CA CYS A 53 -8.86 5.68 9.80
C CYS A 53 -8.46 4.21 9.78
N ILE A 54 -8.42 3.65 8.58
CA ILE A 54 -8.03 2.26 8.41
C ILE A 54 -6.91 2.20 7.37
N PRO A 55 -6.05 1.18 7.47
CA PRO A 55 -6.11 0.14 8.50
C PRO A 55 -5.75 0.55 9.93
N THR A 56 -6.41 -0.11 10.88
CA THR A 56 -6.16 0.07 12.30
C THR A 56 -5.99 -1.32 12.91
N MET A 57 -4.86 -1.53 13.56
CA MET A 57 -4.57 -2.82 14.18
C MET A 57 -4.69 -2.78 15.69
N ASP A 58 -5.17 -3.89 16.23
CA ASP A 58 -5.31 -4.04 17.67
C ASP A 58 -4.67 -5.41 17.91
N ASP A 59 -3.36 -5.41 18.15
CA ASP A 59 -2.66 -6.67 18.37
C ASP A 59 -2.62 -6.95 19.88
N HIS A 60 -3.66 -7.64 20.36
CA HIS A 60 -3.75 -7.95 21.78
C HIS A 60 -3.61 -6.71 22.61
N GLY A 61 -4.48 -5.73 22.36
CA GLY A 61 -4.42 -4.49 23.10
C GLY A 61 -3.53 -3.43 22.47
N LEU A 62 -2.48 -3.84 21.78
CA LEU A 62 -1.61 -2.87 21.15
C LEU A 62 -2.32 -2.29 19.93
N VAL A 63 -2.83 -1.08 20.08
CA VAL A 63 -3.51 -0.39 19.01
C VAL A 63 -2.45 0.36 18.20
N LEU A 64 -2.64 0.43 16.90
CA LEU A 64 -1.69 1.10 16.02
C LEU A 64 -2.33 1.29 14.64
N TRP A 65 -2.01 2.40 13.98
CA TRP A 65 -2.53 2.66 12.63
C TRP A 65 -1.42 3.26 11.74
N GLU A 66 -1.67 3.27 10.44
CA GLU A 66 -0.74 3.75 9.41
C GLU A 66 -0.17 2.49 8.78
N SER A 67 -0.77 2.08 7.67
CA SER A 67 -0.37 0.87 6.98
C SER A 67 1.13 0.55 7.03
N ARG A 68 1.97 1.53 6.68
CA ARG A 68 3.41 1.28 6.66
C ARG A 68 4.03 1.06 8.03
N VAL A 69 3.42 1.60 9.07
CA VAL A 69 3.96 1.37 10.40
C VAL A 69 3.55 -0.05 10.83
N ILE A 70 2.39 -0.49 10.36
CA ILE A 70 1.91 -1.82 10.68
C ILE A 70 2.78 -2.86 9.96
N LEU A 71 3.30 -2.50 8.79
CA LEU A 71 4.15 -3.43 8.06
C LEU A 71 5.42 -3.72 8.90
N SER A 72 6.16 -2.66 9.22
CA SER A 72 7.39 -2.82 9.99
C SER A 72 7.09 -3.56 11.29
N TYR A 73 6.03 -3.14 11.97
CA TYR A 73 5.63 -3.77 13.23
C TYR A 73 5.39 -5.29 13.07
N LEU A 74 4.37 -5.66 12.30
CA LEU A 74 4.06 -7.06 12.12
C LEU A 74 5.30 -7.88 11.79
N VAL A 75 6.16 -7.31 10.95
CA VAL A 75 7.39 -7.98 10.55
C VAL A 75 8.35 -8.13 11.72
N SER A 76 8.38 -7.16 12.62
CA SER A 76 9.26 -7.24 13.78
C SER A 76 8.67 -8.15 14.84
N ALA A 77 7.35 -8.25 14.85
CA ALA A 77 6.65 -9.08 15.83
C ALA A 77 6.49 -10.54 15.42
N TYR A 78 6.33 -10.81 14.13
CA TYR A 78 6.10 -12.19 13.68
C TYR A 78 6.90 -12.67 12.47
N GLY A 79 7.84 -11.85 12.01
CA GLY A 79 8.63 -12.26 10.86
C GLY A 79 9.50 -13.47 11.19
N LYS A 80 10.09 -14.05 10.16
CA LYS A 80 10.94 -15.22 10.34
C LYS A 80 12.09 -15.24 9.36
N ASP A 81 12.24 -16.40 8.71
CA ASP A 81 13.27 -16.68 7.72
C ASP A 81 13.37 -15.61 6.63
N GLU A 82 12.25 -14.96 6.35
CA GLU A 82 12.24 -13.91 5.36
C GLU A 82 12.98 -12.74 5.98
N ASN A 83 13.31 -11.75 5.17
CA ASN A 83 13.95 -10.56 5.69
C ASN A 83 13.35 -9.37 4.98
N LEU A 84 12.06 -9.17 5.25
CA LEU A 84 11.26 -8.11 4.66
C LEU A 84 11.52 -6.78 5.35
N TYR A 85 12.36 -6.82 6.37
CA TYR A 85 12.71 -5.62 7.12
C TYR A 85 14.07 -5.83 7.77
N PRO A 86 15.14 -5.57 6.99
CA PRO A 86 16.55 -5.71 7.40
C PRO A 86 16.92 -5.13 8.76
N LYS A 87 17.64 -5.92 9.54
CA LYS A 87 18.06 -5.48 10.87
C LYS A 87 19.15 -4.44 10.75
N ASP A 88 20.08 -4.62 9.81
CA ASP A 88 21.14 -3.64 9.65
C ASP A 88 20.50 -2.27 9.40
N PHE A 89 20.79 -1.31 10.28
CA PHE A 89 20.20 0.02 10.14
C PHE A 89 20.58 0.70 8.84
N ARG A 90 21.79 0.46 8.38
CA ARG A 90 22.23 1.08 7.14
C ARG A 90 21.27 0.65 6.05
N SER A 91 20.82 -0.61 6.11
CA SER A 91 19.90 -1.13 5.11
C SER A 91 18.46 -0.75 5.41
N ARG A 92 18.07 -0.83 6.67
CA ARG A 92 16.72 -0.49 7.06
C ARG A 92 16.42 0.96 6.65
N ALA A 93 17.42 1.83 6.71
CA ALA A 93 17.23 3.24 6.34
C ALA A 93 16.66 3.35 4.94
N ILE A 94 17.30 2.68 3.99
CA ILE A 94 16.87 2.71 2.60
C ILE A 94 15.43 2.24 2.48
N VAL A 95 15.09 1.16 3.18
CA VAL A 95 13.73 0.64 3.15
C VAL A 95 12.78 1.65 3.78
N ASP A 96 13.23 2.32 4.83
CA ASP A 96 12.38 3.32 5.47
C ASP A 96 12.17 4.44 4.45
N GLN A 97 13.26 4.98 3.93
CA GLN A 97 13.23 6.04 2.94
C GLN A 97 12.21 5.75 1.84
N ARG A 98 12.21 4.54 1.34
CA ARG A 98 11.29 4.18 0.29
C ARG A 98 9.84 4.14 0.76
N LEU A 99 9.62 3.76 2.02
CA LEU A 99 8.27 3.70 2.57
C LEU A 99 7.77 5.11 2.80
N HIS A 100 8.67 6.03 3.13
CA HIS A 100 8.27 7.43 3.35
C HIS A 100 8.02 8.06 1.99
N PHE A 101 8.84 7.68 1.02
CA PHE A 101 8.69 8.18 -0.35
C PHE A 101 7.24 7.90 -0.79
N ASP A 102 6.83 6.67 -0.57
CA ASP A 102 5.50 6.19 -0.92
C ASP A 102 4.41 6.94 -0.19
N LEU A 103 4.53 7.04 1.13
CA LEU A 103 3.53 7.74 1.89
C LEU A 103 3.46 9.23 1.57
N GLY A 104 4.59 9.91 1.65
CA GLY A 104 4.60 11.34 1.42
C GLY A 104 4.76 11.81 -0.01
N THR A 105 4.98 10.90 -0.94
CA THR A 105 5.14 11.35 -2.32
C THR A 105 4.35 10.57 -3.36
N LEU A 106 4.80 9.37 -3.69
CA LEU A 106 4.14 8.58 -4.72
C LEU A 106 2.65 8.39 -4.50
N TYR A 107 2.29 7.77 -3.39
CA TYR A 107 0.88 7.50 -3.09
C TYR A 107 0.06 8.78 -2.91
N GLN A 108 0.63 9.73 -2.19
CA GLN A 108 -0.04 10.99 -1.91
C GLN A 108 -0.51 11.59 -3.23
N ARG A 109 0.38 11.60 -4.22
CA ARG A 109 0.08 12.13 -5.54
C ARG A 109 -0.90 11.28 -6.34
N VAL A 110 -1.07 10.02 -5.94
CA VAL A 110 -2.02 9.13 -6.61
C VAL A 110 -3.38 9.54 -6.12
N VAL A 111 -3.47 9.76 -4.81
CA VAL A 111 -4.70 10.16 -4.15
C VAL A 111 -5.17 11.52 -4.67
N ASP A 112 -4.21 12.39 -4.97
CA ASP A 112 -4.53 13.72 -5.44
C ASP A 112 -5.10 13.80 -6.85
N TYR A 113 -4.60 12.93 -7.73
CA TYR A 113 -5.07 12.91 -9.11
C TYR A 113 -6.21 11.93 -9.32
N TYR A 114 -6.55 11.13 -8.32
CA TYR A 114 -7.62 10.15 -8.51
C TYR A 114 -8.83 10.16 -7.59
N PHE A 115 -8.59 10.07 -6.29
CA PHE A 115 -9.69 9.99 -5.33
C PHE A 115 -10.77 11.08 -5.37
N PRO A 116 -10.42 12.32 -5.76
CA PRO A 116 -11.43 13.38 -5.81
C PRO A 116 -12.55 12.98 -6.78
N THR A 117 -12.15 12.66 -8.00
CA THR A 117 -13.11 12.25 -9.01
C THR A 117 -13.77 10.95 -8.55
N ILE A 118 -13.08 10.21 -7.69
CA ILE A 118 -13.58 8.95 -7.15
C ILE A 118 -14.49 9.20 -5.96
N HIS A 119 -14.36 10.36 -5.34
CA HIS A 119 -15.16 10.70 -4.18
C HIS A 119 -16.26 11.71 -4.47
N LEU A 120 -16.02 12.61 -5.41
CA LEU A 120 -17.01 13.63 -5.72
C LEU A 120 -17.15 13.85 -7.22
N GLY A 121 -16.67 12.90 -8.02
CA GLY A 121 -16.77 13.05 -9.46
C GLY A 121 -16.05 14.28 -10.01
N ALA A 122 -15.02 14.75 -9.33
CA ALA A 122 -14.26 15.91 -9.79
C ALA A 122 -13.66 15.60 -11.16
N HIS A 123 -13.17 16.62 -11.84
CA HIS A 123 -12.56 16.40 -13.14
C HIS A 123 -11.07 16.15 -12.91
N LEU A 124 -10.45 15.36 -13.77
CA LEU A 124 -9.02 15.10 -13.61
C LEU A 124 -8.27 16.41 -13.82
N ASP A 125 -7.19 16.57 -13.06
CA ASP A 125 -6.36 17.77 -13.12
C ASP A 125 -5.08 17.43 -13.89
N GLN A 126 -4.92 18.06 -15.06
CA GLN A 126 -3.75 17.82 -15.90
C GLN A 126 -2.44 18.03 -15.14
N THR A 127 -2.36 19.13 -14.40
CA THR A 127 -1.15 19.42 -13.63
C THR A 127 -0.91 18.36 -12.55
N LYS A 128 -1.99 17.94 -11.89
CA LYS A 128 -1.89 16.93 -10.85
C LYS A 128 -1.51 15.56 -11.40
N LYS A 129 -1.66 15.37 -12.71
CA LYS A 129 -1.32 14.10 -13.33
C LYS A 129 0.15 14.09 -13.70
N ALA A 130 0.69 15.29 -13.93
CA ALA A 130 2.08 15.44 -14.29
C ALA A 130 2.96 15.21 -13.07
N LYS A 131 2.47 15.65 -11.91
CA LYS A 131 3.23 15.48 -10.67
C LYS A 131 3.37 13.98 -10.38
N LEU A 132 2.29 13.23 -10.63
CA LEU A 132 2.32 11.79 -10.43
C LEU A 132 3.39 11.21 -11.37
N ALA A 133 3.40 11.69 -12.62
CA ALA A 133 4.37 11.22 -13.58
C ALA A 133 5.78 11.58 -13.10
N GLU A 134 5.93 12.79 -12.58
CA GLU A 134 7.22 13.24 -12.05
C GLU A 134 7.73 12.33 -10.94
N ALA A 135 6.82 11.88 -10.07
CA ALA A 135 7.19 11.01 -8.97
C ALA A 135 7.55 9.64 -9.51
N LEU A 136 6.76 9.12 -10.47
CA LEU A 136 7.07 7.82 -11.04
C LEU A 136 8.47 7.89 -11.62
N GLY A 137 8.81 9.08 -12.13
CA GLY A 137 10.12 9.31 -12.70
C GLY A 137 11.19 9.16 -11.63
N TRP A 138 10.95 9.73 -10.45
CA TRP A 138 11.90 9.62 -9.35
C TRP A 138 12.06 8.16 -9.00
N PHE A 139 10.92 7.47 -8.85
CA PHE A 139 10.94 6.05 -8.52
C PHE A 139 11.76 5.33 -9.60
N GLU A 140 11.50 5.65 -10.86
CA GLU A 140 12.24 5.02 -11.95
C GLU A 140 13.75 5.14 -11.71
N ALA A 141 14.18 6.32 -11.29
CA ALA A 141 15.59 6.54 -11.02
C ALA A 141 15.99 5.73 -9.79
N MET A 142 15.08 5.63 -8.83
CA MET A 142 15.37 4.87 -7.60
C MET A 142 15.51 3.36 -7.83
N LEU A 143 14.91 2.84 -8.90
CA LEU A 143 14.98 1.41 -9.19
C LEU A 143 16.30 0.99 -9.84
N LYS A 144 17.17 1.95 -10.09
CA LYS A 144 18.46 1.66 -10.75
C LYS A 144 19.46 0.89 -9.87
N GLN A 145 19.65 1.37 -8.65
CA GLN A 145 20.62 0.75 -7.76
C GLN A 145 20.41 -0.73 -7.44
N TYR A 146 19.20 -1.10 -7.04
CA TYR A 146 18.93 -2.49 -6.66
C TYR A 146 18.03 -3.25 -7.60
N GLN A 147 17.94 -4.55 -7.36
CA GLN A 147 17.10 -5.41 -8.17
C GLN A 147 15.67 -5.18 -7.74
N TRP A 148 15.49 -4.84 -6.46
CA TRP A 148 14.18 -4.50 -5.91
C TRP A 148 14.21 -2.99 -5.57
N SER A 149 13.19 -2.50 -4.88
CA SER A 149 13.11 -1.06 -4.61
C SER A 149 14.01 -0.40 -3.56
N ALA A 150 14.47 -1.16 -2.57
CA ALA A 150 15.32 -0.54 -1.55
C ALA A 150 16.37 -1.51 -1.04
N ALA A 151 16.38 -2.70 -1.62
CA ALA A 151 17.32 -3.75 -1.25
C ALA A 151 17.51 -4.62 -2.50
N ASN A 152 18.49 -5.52 -2.48
CA ASN A 152 18.66 -6.39 -3.63
C ASN A 152 17.84 -7.64 -3.41
N HIS A 153 16.95 -7.57 -2.43
CA HIS A 153 16.02 -8.64 -2.10
C HIS A 153 14.66 -7.98 -1.77
N PHE A 154 13.61 -8.79 -1.79
CA PHE A 154 12.24 -8.35 -1.54
C PHE A 154 12.06 -7.90 -0.09
N THR A 155 11.49 -6.71 0.10
CA THR A 155 11.24 -6.17 1.43
C THR A 155 9.83 -5.55 1.51
N ILE A 156 9.44 -5.06 2.69
CA ILE A 156 8.12 -4.47 2.85
C ILE A 156 7.88 -3.20 2.01
N ALA A 157 8.96 -2.59 1.53
CA ALA A 157 8.82 -1.39 0.72
C ALA A 157 8.18 -1.78 -0.62
N ASP A 158 8.62 -2.89 -1.16
CA ASP A 158 8.10 -3.40 -2.42
C ASP A 158 6.62 -3.66 -2.26
N ILE A 159 6.21 -4.12 -1.08
CA ILE A 159 4.80 -4.39 -0.86
C ILE A 159 4.01 -3.09 -0.89
N ALA A 160 4.44 -2.12 -0.09
CA ALA A 160 3.76 -0.82 -0.05
C ALA A 160 3.68 -0.25 -1.45
N LEU A 161 4.85 -0.11 -2.08
CA LEU A 161 4.98 0.44 -3.43
C LEU A 161 4.31 -0.44 -4.49
N CYS A 162 4.29 -1.75 -4.27
CA CYS A 162 3.65 -2.65 -5.22
C CYS A 162 2.14 -2.35 -5.24
N VAL A 163 1.61 -1.95 -4.10
CA VAL A 163 0.19 -1.65 -4.01
C VAL A 163 -0.15 -0.30 -4.64
N THR A 164 0.76 0.67 -4.50
CA THR A 164 0.55 2.00 -5.08
C THR A 164 0.64 1.96 -6.60
N VAL A 165 1.67 1.30 -7.12
CA VAL A 165 1.82 1.22 -8.56
C VAL A 165 0.80 0.26 -9.19
N SER A 166 0.46 -0.82 -8.50
CA SER A 166 -0.52 -1.75 -9.04
C SER A 166 -1.87 -1.06 -9.18
N GLN A 167 -2.08 -0.03 -8.38
CA GLN A 167 -3.33 0.73 -8.42
C GLN A 167 -3.25 1.68 -9.62
N ILE A 168 -2.15 2.42 -9.70
CA ILE A 168 -1.90 3.33 -10.81
C ILE A 168 -2.18 2.57 -12.11
N GLU A 169 -1.58 1.38 -12.23
CA GLU A 169 -1.74 0.53 -13.40
C GLU A 169 -3.21 0.23 -13.67
N ALA A 170 -3.94 -0.12 -12.61
CA ALA A 170 -5.36 -0.43 -12.73
C ALA A 170 -6.11 0.79 -13.27
N PHE A 171 -5.69 1.97 -12.84
CA PHE A 171 -6.31 3.19 -13.31
C PHE A 171 -5.90 3.42 -14.76
N GLN A 172 -5.22 2.42 -15.32
CA GLN A 172 -4.76 2.47 -16.71
C GLN A 172 -3.87 3.66 -17.04
N PHE A 173 -3.04 4.04 -16.08
CA PHE A 173 -2.09 5.13 -16.25
C PHE A 173 -1.03 4.58 -17.19
N ASP A 174 -0.59 5.39 -18.15
CA ASP A 174 0.42 4.92 -19.10
C ASP A 174 1.77 4.84 -18.41
N LEU A 175 2.25 3.61 -18.20
CA LEU A 175 3.54 3.40 -17.52
C LEU A 175 4.63 3.01 -18.50
N HIS A 176 4.39 3.29 -19.77
CA HIS A 176 5.35 2.96 -20.81
C HIS A 176 6.67 3.71 -20.63
N PRO A 177 6.61 4.97 -20.21
CA PRO A 177 7.86 5.72 -20.01
C PRO A 177 8.75 5.14 -18.90
N TYR A 178 8.18 4.29 -18.05
CA TYR A 178 8.96 3.73 -16.95
C TYR A 178 9.14 2.21 -17.01
N PRO A 179 10.14 1.75 -17.77
CA PRO A 179 10.45 0.32 -17.92
C PRO A 179 11.02 -0.37 -16.68
N ARG A 180 11.71 0.37 -15.82
CA ARG A 180 12.25 -0.25 -14.60
C ARG A 180 11.09 -0.52 -13.66
N VAL A 181 10.16 0.43 -13.61
CA VAL A 181 8.99 0.31 -12.77
C VAL A 181 8.15 -0.87 -13.24
N ARG A 182 7.98 -0.97 -14.56
CA ARG A 182 7.20 -2.06 -15.14
C ARG A 182 7.89 -3.40 -14.89
N ALA A 183 9.21 -3.40 -15.00
CA ALA A 183 10.01 -4.60 -14.76
C ALA A 183 9.91 -5.06 -13.30
N TRP A 184 10.04 -4.12 -12.37
CA TRP A 184 9.96 -4.43 -10.93
C TRP A 184 8.53 -4.84 -10.58
N LEU A 185 7.57 -4.20 -11.22
CA LEU A 185 6.15 -4.49 -10.98
C LEU A 185 5.85 -5.94 -11.30
N LEU A 186 6.48 -6.49 -12.34
CA LEU A 186 6.25 -7.88 -12.70
C LEU A 186 6.80 -8.78 -11.61
N LYS A 187 8.01 -8.47 -11.16
CA LYS A 187 8.64 -9.25 -10.11
C LYS A 187 7.76 -9.29 -8.86
N CYS A 188 7.19 -8.14 -8.50
CA CYS A 188 6.34 -8.05 -7.32
C CYS A 188 5.12 -8.95 -7.42
N LYS A 189 4.53 -9.03 -8.61
CA LYS A 189 3.35 -9.85 -8.83
C LYS A 189 3.67 -11.34 -8.75
N ASP A 190 4.74 -11.75 -9.44
CA ASP A 190 5.16 -13.14 -9.41
C ASP A 190 5.57 -13.52 -7.99
N GLU A 191 6.12 -12.55 -7.26
CA GLU A 191 6.57 -12.73 -5.88
C GLU A 191 5.42 -12.93 -4.90
N LEU A 192 4.34 -12.19 -5.13
CA LEU A 192 3.18 -12.25 -4.25
C LEU A 192 2.09 -13.20 -4.72
N GLU A 193 2.14 -13.60 -5.99
CA GLU A 193 1.12 -14.48 -6.52
C GLU A 193 0.68 -15.63 -5.63
N GLY A 194 1.67 -16.29 -5.01
CA GLY A 194 1.36 -17.39 -4.12
C GLY A 194 1.12 -16.95 -2.69
N HIS A 195 0.80 -15.66 -2.50
CA HIS A 195 0.56 -15.12 -1.17
C HIS A 195 -0.70 -14.26 -1.18
N GLY A 196 -1.64 -14.60 -2.05
CA GLY A 196 -2.90 -13.87 -2.15
C GLY A 196 -2.92 -12.59 -2.95
N TYR A 197 -1.97 -12.40 -3.86
CA TYR A 197 -1.93 -11.18 -4.65
C TYR A 197 -3.24 -10.97 -5.39
N LYS A 198 -3.61 -11.95 -6.21
CA LYS A 198 -4.84 -11.88 -6.97
C LYS A 198 -6.00 -11.66 -6.01
N GLU A 199 -6.20 -12.63 -5.14
CA GLU A 199 -7.27 -12.59 -4.17
C GLU A 199 -7.35 -11.31 -3.34
N ILE A 200 -6.21 -10.78 -2.93
CA ILE A 200 -6.18 -9.57 -2.12
C ILE A 200 -6.02 -8.26 -2.88
N ASN A 201 -4.91 -8.12 -3.61
CA ASN A 201 -4.65 -6.87 -4.31
C ASN A 201 -5.22 -6.68 -5.71
N GLU A 202 -5.26 -7.75 -6.51
CA GLU A 202 -5.80 -7.63 -7.87
C GLU A 202 -7.30 -7.39 -7.87
N THR A 203 -8.02 -8.04 -6.96
CA THR A 203 -9.45 -7.85 -6.90
C THR A 203 -9.75 -6.50 -6.28
N GLY A 204 -8.87 -6.01 -5.43
CA GLY A 204 -9.06 -4.72 -4.78
C GLY A 204 -8.80 -3.52 -5.66
N ALA A 205 -7.78 -3.61 -6.52
CA ALA A 205 -7.43 -2.52 -7.40
C ALA A 205 -8.54 -2.30 -8.42
N GLU A 206 -9.13 -3.39 -8.89
CA GLU A 206 -10.21 -3.31 -9.87
C GLU A 206 -11.43 -2.58 -9.32
N THR A 207 -12.04 -3.14 -8.28
CA THR A 207 -13.22 -2.51 -7.70
C THR A 207 -12.93 -1.01 -7.48
N LEU A 208 -11.71 -0.71 -7.04
CA LEU A 208 -11.34 0.68 -6.80
C LEU A 208 -11.22 1.45 -8.11
N ALA A 209 -10.81 0.75 -9.16
CA ALA A 209 -10.66 1.37 -10.47
C ALA A 209 -12.05 1.49 -11.09
N GLY A 210 -12.88 0.48 -10.86
CA GLY A 210 -14.24 0.51 -11.38
C GLY A 210 -14.97 1.70 -10.80
N LEU A 211 -14.75 1.96 -9.52
CA LEU A 211 -15.39 3.08 -8.87
C LEU A 211 -14.85 4.41 -9.39
N PHE A 212 -13.66 4.38 -10.00
CA PHE A 212 -13.06 5.59 -10.56
C PHE A 212 -13.63 5.79 -11.96
N ARG A 213 -13.59 4.73 -12.74
CA ARG A 213 -14.12 4.77 -14.11
C ARG A 213 -15.63 4.94 -14.11
N SER A 214 -16.28 4.41 -13.09
CA SER A 214 -17.72 4.52 -12.97
C SER A 214 -17.97 5.99 -12.62
N LYS A 215 -19.14 6.26 -12.03
CA LYS A 215 -19.57 7.61 -11.62
C LYS A 215 -20.68 8.13 -12.57
#